data_2HLE
#
_entry.id   2HLE
#
_cell.length_a   81.085
_cell.length_b   81.085
_cell.length_c   50.945
_cell.angle_alpha   90.00
_cell.angle_beta   90.00
_cell.angle_gamma   90.00
#
_symmetry.space_group_name_H-M   'P 41'
#
loop_
_entity.id
_entity.type
_entity.pdbx_description
1 polymer 'Ephrin type-B receptor 4'
2 polymer Ephrin-B2
3 water water
#
loop_
_entity_poly.entity_id
_entity_poly.type
_entity_poly.pdbx_seq_one_letter_code
_entity_poly.pdbx_strand_id
1 'polypeptide(L)'
;AGHHHHHHEETLLNTKLETADLKWVTFPQVDGQWEELSGLDEEQHSVRTYEVCDVQRAPGQAHWLRTGWVPRRGAVHVYA
TLRFTMLECLSLPRAGRSCKETFTVFYYESDADTATALTPAWMENPYIKVDTVAAEHLTRKRPGAEATGKVNVKTLRLGP
LSKAGFYLAFQDQGACMALLSLHLFYKK
;
A
2 'polypeptide(L)'
;IVLEPIYWNSSNSKFLPGQGLVLYPQIGDKLDIICPKVDSKTVGQYEYYKVYMVDKDQADRCTIKKENTPLLNCARPDQD
VKFTIKFQEFSPNLWGLEFQKNKDYYIISTSNGSLEGLDNQEGGVCQTRAMKILMKVG
;
B
#
# COMPACT_ATOMS: atom_id res chain seq x y z
N ALA A 1 -7.58 -41.73 -9.87
CA ALA A 1 -7.54 -40.58 -10.85
C ALA A 1 -8.38 -39.39 -10.37
N GLY A 2 -9.66 -39.66 -10.06
CA GLY A 2 -10.64 -38.64 -9.70
C GLY A 2 -11.03 -38.64 -8.24
N HIS A 3 -10.02 -38.52 -7.37
CA HIS A 3 -10.24 -38.40 -5.93
C HIS A 3 -10.21 -36.93 -5.51
N HIS A 4 -11.18 -36.54 -4.69
CA HIS A 4 -11.36 -35.14 -4.39
C HIS A 4 -11.17 -34.83 -2.92
N HIS A 5 -10.51 -33.71 -2.64
CA HIS A 5 -10.40 -33.17 -1.30
C HIS A 5 -10.89 -31.70 -1.29
N HIS A 6 -12.02 -31.49 -0.63
CA HIS A 6 -12.54 -30.14 -0.53
C HIS A 6 -12.15 -29.79 0.90
N HIS A 7 -11.54 -28.63 1.05
CA HIS A 7 -11.26 -28.10 2.35
C HIS A 7 -11.41 -26.57 2.35
N HIS A 8 -12.48 -26.09 3.01
CA HIS A 8 -12.90 -24.69 2.92
C HIS A 8 -12.06 -23.73 3.79
N GLU A 9 -11.69 -22.58 3.27
CA GLU A 9 -10.80 -21.66 3.95
C GLU A 9 -11.58 -20.46 4.41
N GLU A 10 -11.38 -20.04 5.67
CA GLU A 10 -12.02 -18.86 6.23
C GLU A 10 -11.02 -17.76 6.57
N THR A 11 -11.26 -16.57 6.02
CA THR A 11 -10.32 -15.49 6.12
C THR A 11 -10.44 -14.78 7.46
N LEU A 12 -9.27 -14.60 8.08
CA LEU A 12 -9.21 -13.90 9.35
C LEU A 12 -8.95 -12.40 9.07
N LEU A 13 -8.06 -12.13 8.14
CA LEU A 13 -7.70 -10.78 7.76
C LEU A 13 -7.15 -10.78 6.33
N ASN A 14 -7.55 -9.81 5.52
CA ASN A 14 -7.03 -9.69 4.15
C ASN A 14 -6.88 -8.22 3.78
N THR A 15 -5.64 -7.74 3.77
CA THR A 15 -5.30 -6.33 3.47
C THR A 15 -5.63 -5.93 2.03
N LYS A 16 -5.52 -6.87 1.07
CA LYS A 16 -5.86 -6.60 -0.37
C LYS A 16 -7.29 -6.08 -0.56
N LEU A 17 -8.23 -6.68 0.17
CA LEU A 17 -9.62 -6.25 0.14
C LEU A 17 -9.91 -5.31 1.31
N GLU A 18 -9.19 -4.18 1.27
CA GLU A 18 -9.40 -2.95 2.03
C GLU A 18 -9.05 -1.72 1.19
N THR A 19 -9.99 -0.76 1.11
CA THR A 19 -9.82 0.46 0.30
C THR A 19 -9.60 1.75 1.13
N ALA A 20 -9.38 1.59 2.45
CA ALA A 20 -9.02 2.66 3.39
C ALA A 20 -7.72 2.34 4.14
N ASP A 21 -7.24 3.25 4.97
CA ASP A 21 -5.92 3.09 5.62
C ASP A 21 -5.95 1.94 6.59
N LEU A 22 -4.82 1.23 6.75
CA LEU A 22 -4.75 -0.02 7.54
C LEU A 22 -4.52 0.36 9.01
N LYS A 23 -3.78 1.44 9.19
CA LYS A 23 -3.56 2.02 10.52
C LYS A 23 -2.98 0.98 11.49
N TRP A 24 -1.93 0.25 11.08
CA TRP A 24 -1.35 -0.81 11.92
C TRP A 24 -0.40 -0.12 12.91
N VAL A 25 0.09 -0.80 13.94
CA VAL A 25 0.90 -0.12 15.00
C VAL A 25 2.38 -0.29 14.73
N THR A 26 3.17 0.81 14.76
CA THR A 26 4.63 0.69 14.59
C THR A 26 5.40 1.07 15.90
N PHE A 27 6.60 0.52 16.12
CA PHE A 27 7.51 0.95 17.22
C PHE A 27 9.00 0.72 16.88
N PRO A 28 9.91 1.68 17.21
CA PRO A 28 9.72 2.97 17.81
C PRO A 28 9.20 3.92 16.73
N GLN A 29 8.44 4.93 17.15
CA GLN A 29 7.85 5.92 16.18
C GLN A 29 8.84 7.00 15.77
N VAL A 30 9.76 6.62 14.88
CA VAL A 30 10.89 7.45 14.46
C VAL A 30 11.02 7.42 12.97
N ASP A 31 11.68 8.44 12.42
CA ASP A 31 11.83 8.45 10.98
C ASP A 31 12.57 7.14 10.59
N GLY A 32 12.06 6.38 9.65
CA GLY A 32 12.68 5.11 9.35
C GLY A 32 11.81 3.94 9.67
N GLN A 33 10.79 4.19 10.50
CA GLN A 33 9.78 3.24 10.83
C GLN A 33 9.06 2.77 9.57
N TRP A 34 8.31 1.67 9.68
CA TRP A 34 7.53 1.21 8.58
C TRP A 34 6.46 2.25 8.33
N GLU A 35 5.98 2.26 7.10
CA GLU A 35 5.15 3.32 6.60
C GLU A 35 4.14 2.73 5.66
N GLU A 36 2.89 3.12 5.91
CA GLU A 36 1.76 2.81 5.08
C GLU A 36 1.56 3.78 3.86
N LEU A 37 1.27 3.20 2.70
CA LEU A 37 0.95 3.93 1.48
C LEU A 37 0.31 2.99 0.46
N SER A 38 -0.36 3.57 -0.53
CA SER A 38 -0.89 2.78 -1.65
C SER A 38 0.20 2.29 -2.65
N GLY A 39 0.00 1.12 -3.20
CA GLY A 39 0.75 0.72 -4.34
C GLY A 39 0.03 -0.27 -5.20
N LEU A 40 0.68 -0.65 -6.28
CA LEU A 40 0.18 -1.64 -7.19
C LEU A 40 0.85 -2.96 -6.82
N ASP A 41 0.15 -4.05 -7.07
CA ASP A 41 0.75 -5.38 -7.00
C ASP A 41 0.75 -6.02 -8.40
N GLU A 42 1.30 -7.23 -8.52
CA GLU A 42 1.36 -8.05 -9.75
C GLU A 42 0.00 -8.33 -10.44
N GLU A 43 -1.09 -8.20 -9.69
CA GLU A 43 -2.44 -8.17 -10.26
CA GLU A 43 -2.43 -8.19 -10.29
C GLU A 43 -2.77 -6.79 -10.85
N GLN A 44 -1.98 -5.79 -10.44
CA GLN A 44 -2.00 -4.42 -10.97
C GLN A 44 -3.15 -3.58 -10.42
N HIS A 45 -3.60 -3.98 -9.24
CA HIS A 45 -4.68 -3.32 -8.53
C HIS A 45 -4.07 -2.56 -7.32
N SER A 46 -4.66 -1.42 -7.01
CA SER A 46 -4.16 -0.55 -5.97
C SER A 46 -4.54 -1.10 -4.64
N VAL A 47 -3.53 -1.39 -3.82
CA VAL A 47 -3.78 -1.88 -2.45
C VAL A 47 -2.93 -1.13 -1.43
N ARG A 48 -3.34 -1.20 -0.20
CA ARG A 48 -2.57 -0.79 1.00
C ARG A 48 -1.31 -1.58 1.24
N THR A 49 -0.14 -0.90 1.19
CA THR A 49 1.15 -1.59 1.37
C THR A 49 1.88 -1.04 2.63
N TYR A 50 2.87 -1.78 3.13
CA TYR A 50 3.81 -1.28 4.18
C TYR A 50 5.25 -1.35 3.68
N GLU A 51 6.00 -0.32 3.87
CA GLU A 51 7.41 -0.35 3.44
C GLU A 51 8.32 -0.06 4.59
N VAL A 52 9.48 -0.70 4.59
CA VAL A 52 10.59 -0.20 5.41
C VAL A 52 11.86 -0.20 4.54
N CYS A 53 12.70 0.82 4.65
CA CYS A 53 14.03 0.74 4.03
C CYS A 53 15.07 1.69 4.69
N ASP A 54 15.46 1.32 5.91
CA ASP A 54 16.36 2.12 6.74
C ASP A 54 17.75 1.43 6.88
N VAL A 55 18.38 1.16 5.73
CA VAL A 55 19.52 0.19 5.59
C VAL A 55 20.95 0.62 6.01
N GLN A 56 21.27 1.92 5.94
CA GLN A 56 22.54 2.45 6.46
C GLN A 56 22.29 3.30 7.69
N ARG A 57 21.01 3.67 7.86
CA ARG A 57 20.64 4.74 8.77
C ARG A 57 20.50 4.09 10.15
N ALA A 58 19.74 2.99 10.20
CA ALA A 58 19.69 2.07 11.36
C ALA A 58 21.09 1.87 12.01
N PRO A 59 21.19 2.10 13.35
CA PRO A 59 22.29 1.68 14.24
C PRO A 59 21.99 0.66 15.41
N GLY A 60 21.64 -0.58 15.10
CA GLY A 60 21.24 -1.58 16.15
C GLY A 60 19.75 -1.57 16.51
N GLN A 61 18.95 -1.06 15.57
CA GLN A 61 17.56 -0.73 15.79
C GLN A 61 16.60 -1.73 15.15
N ALA A 62 15.44 -1.87 15.77
CA ALA A 62 14.43 -2.81 15.33
C ALA A 62 13.21 -2.00 14.98
N HIS A 63 12.70 -2.17 13.79
CA HIS A 63 11.47 -1.49 13.40
C HIS A 63 10.38 -2.55 13.43
N TRP A 64 9.49 -2.45 14.42
CA TRP A 64 8.37 -3.36 14.49
C TRP A 64 7.08 -2.78 13.90
N LEU A 65 6.36 -3.65 13.20
CA LEU A 65 5.03 -3.38 12.65
C LEU A 65 4.08 -4.43 13.22
N ARG A 66 2.90 -4.02 13.66
CA ARG A 66 1.97 -5.01 14.26
C ARG A 66 0.56 -4.80 13.75
N THR A 67 -0.10 -5.87 13.32
CA THR A 67 -1.52 -5.75 12.85
C THR A 67 -2.44 -5.33 13.96
N GLY A 68 -3.71 -5.09 13.60
CA GLY A 68 -4.75 -4.87 14.56
C GLY A 68 -5.03 -6.21 15.17
N TRP A 69 -5.91 -6.20 16.19
CA TRP A 69 -6.33 -7.41 16.90
C TRP A 69 -7.16 -8.21 15.92
N VAL A 70 -6.85 -9.49 15.79
CA VAL A 70 -7.60 -10.37 14.90
C VAL A 70 -8.40 -11.46 15.67
N PRO A 71 -9.74 -11.39 15.59
CA PRO A 71 -10.48 -12.52 16.11
C PRO A 71 -10.04 -13.85 15.45
N ARG A 72 -9.65 -14.78 16.29
CA ARG A 72 -9.27 -16.15 15.93
C ARG A 72 -10.48 -16.88 15.39
N ARG A 73 -11.68 -16.43 15.78
CA ARG A 73 -12.93 -17.08 15.40
C ARG A 73 -12.91 -18.50 15.93
N GLY A 74 -12.79 -19.51 15.05
CA GLY A 74 -12.71 -20.89 15.47
C GLY A 74 -11.39 -21.53 15.11
N ALA A 75 -10.41 -20.71 14.71
CA ALA A 75 -9.10 -21.23 14.26
C ALA A 75 -8.20 -21.67 15.41
N VAL A 76 -7.60 -22.83 15.21
CA VAL A 76 -6.56 -23.32 16.08
C VAL A 76 -5.25 -23.13 15.36
N HIS A 77 -5.20 -23.42 14.08
CA HIS A 77 -4.00 -23.08 13.32
C HIS A 77 -4.35 -22.10 12.24
N VAL A 78 -3.60 -21.02 12.19
CA VAL A 78 -3.83 -19.95 11.25
C VAL A 78 -2.73 -20.05 10.18
N TYR A 79 -3.11 -19.75 8.95
CA TYR A 79 -2.12 -19.60 7.88
C TYR A 79 -1.89 -18.13 7.64
N ALA A 80 -0.66 -17.74 7.32
CA ALA A 80 -0.39 -16.33 7.05
C ALA A 80 0.41 -16.27 5.80
N THR A 81 -0.26 -15.88 4.71
CA THR A 81 0.37 -15.80 3.42
C THR A 81 0.84 -14.35 3.24
N LEU A 82 2.13 -14.13 3.01
CA LEU A 82 2.74 -12.79 2.79
C LEU A 82 3.19 -12.65 1.35
N ARG A 83 2.93 -11.49 0.74
CA ARG A 83 3.53 -11.22 -0.51
C ARG A 83 4.45 -10.02 -0.35
N PHE A 84 5.66 -10.08 -0.87
CA PHE A 84 6.61 -8.97 -0.62
C PHE A 84 7.66 -8.88 -1.68
N THR A 85 8.31 -7.74 -1.72
CA THR A 85 9.46 -7.51 -2.59
C THR A 85 10.59 -7.15 -1.59
N MET A 86 11.80 -7.61 -1.95
CA MET A 86 12.97 -7.43 -1.08
C MET A 86 14.12 -7.03 -1.97
N LEU A 87 14.78 -5.91 -1.67
CA LEU A 87 15.93 -5.46 -2.45
C LEU A 87 17.26 -6.16 -2.12
N GLU A 88 18.07 -6.39 -3.14
CA GLU A 88 19.41 -6.92 -2.95
C GLU A 88 20.27 -5.86 -2.31
N CYS A 89 20.97 -6.22 -1.22
CA CYS A 89 21.69 -5.25 -0.44
C CYS A 89 22.85 -4.65 -1.22
N LEU A 90 23.64 -5.51 -1.87
CA LEU A 90 24.83 -5.00 -2.56
C LEU A 90 24.51 -4.24 -3.86
N SER A 91 23.22 -4.01 -4.11
CA SER A 91 22.71 -3.24 -5.27
C SER A 91 22.08 -1.89 -4.87
N LEU A 92 21.93 -1.65 -3.57
CA LEU A 92 21.32 -0.43 -3.09
C LEU A 92 22.43 0.57 -2.88
N PRO A 93 22.20 1.83 -3.29
CA PRO A 93 23.16 2.86 -2.90
C PRO A 93 22.96 3.19 -1.42
N ARG A 94 24.05 3.56 -0.75
CA ARG A 94 24.01 3.98 0.65
C ARG A 94 23.52 2.88 1.64
N ALA A 95 23.57 1.61 1.22
CA ALA A 95 23.29 0.49 2.14
C ALA A 95 24.51 0.27 3.04
N GLY A 96 24.27 0.04 4.32
CA GLY A 96 25.33 -0.07 5.32
C GLY A 96 25.76 -1.50 5.62
N ARG A 97 26.38 -1.68 6.78
CA ARG A 97 26.65 -3.02 7.33
C ARG A 97 25.34 -3.65 7.83
N SER A 98 24.36 -2.81 8.15
CA SER A 98 23.09 -3.24 8.73
C SER A 98 22.20 -4.02 7.76
N CYS A 99 22.46 -3.92 6.47
CA CYS A 99 21.50 -4.37 5.46
C CYS A 99 21.23 -5.89 5.54
N LYS A 100 19.95 -6.27 5.64
CA LYS A 100 19.51 -7.68 5.71
C LYS A 100 18.68 -7.95 4.44
N GLU A 101 18.62 -9.21 4.02
CA GLU A 101 17.70 -9.63 2.97
C GLU A 101 16.65 -10.54 3.61
N THR A 102 16.35 -10.28 4.89
CA THR A 102 15.41 -11.12 5.64
C THR A 102 14.64 -10.28 6.61
N PHE A 103 13.55 -10.87 7.13
CA PHE A 103 12.79 -10.26 8.19
C PHE A 103 12.18 -11.36 9.08
N THR A 104 11.76 -11.01 10.29
CA THR A 104 11.20 -11.98 11.27
C THR A 104 9.74 -11.68 11.61
N VAL A 105 9.00 -12.74 11.89
CA VAL A 105 7.58 -12.72 12.15
C VAL A 105 7.28 -13.34 13.53
N PHE A 106 6.30 -12.79 14.23
CA PHE A 106 5.95 -13.14 15.59
C PHE A 106 4.48 -13.03 15.69
N TYR A 107 3.89 -13.66 16.70
CA TYR A 107 2.53 -13.33 17.10
C TYR A 107 2.41 -13.16 18.60
N TYR A 108 1.30 -12.56 19.02
CA TYR A 108 0.90 -12.45 20.41
C TYR A 108 -0.62 -12.67 20.51
N GLU A 109 -1.08 -13.62 21.30
CA GLU A 109 -2.54 -13.72 21.56
C GLU A 109 -2.89 -12.94 22.82
N SER A 110 -4.13 -12.48 22.85
CA SER A 110 -4.69 -11.96 24.07
C SER A 110 -6.18 -12.17 23.99
N ASP A 111 -6.84 -12.14 25.14
CA ASP A 111 -8.29 -12.40 25.22
C ASP A 111 -9.10 -11.17 24.73
N ALA A 112 -8.50 -9.98 24.83
CA ALA A 112 -9.07 -8.72 24.32
C ALA A 112 -8.01 -7.93 23.59
N ASP A 113 -8.46 -6.92 22.85
CA ASP A 113 -7.61 -6.00 22.14
C ASP A 113 -7.03 -4.99 23.11
N THR A 114 -6.04 -5.39 23.88
CA THR A 114 -5.51 -4.54 24.91
C THR A 114 -4.05 -4.20 24.65
N ALA A 115 -3.58 -4.45 23.43
CA ALA A 115 -2.24 -3.95 23.02
C ALA A 115 -2.32 -2.45 22.74
N THR A 116 -1.27 -1.73 23.08
CA THR A 116 -1.19 -0.29 22.84
C THR A 116 -0.02 -0.02 21.90
N ALA A 117 0.32 1.24 21.68
CA ALA A 117 1.52 1.51 20.95
C ALA A 117 2.82 1.14 21.73
N LEU A 118 2.78 0.98 23.06
CA LEU A 118 4.00 0.69 23.81
C LEU A 118 3.92 -0.58 24.63
N THR A 119 2.80 -1.27 24.57
CA THR A 119 2.57 -2.50 25.36
C THR A 119 1.97 -3.57 24.45
N PRO A 120 2.37 -4.83 24.64
CA PRO A 120 3.39 -5.40 25.47
C PRO A 120 4.81 -5.19 24.91
N ALA A 121 5.80 -5.65 25.68
CA ALA A 121 7.18 -5.49 25.32
C ALA A 121 7.45 -5.93 23.89
N TRP A 122 8.02 -5.03 23.10
CA TRP A 122 8.32 -5.35 21.74
C TRP A 122 9.62 -6.11 21.70
N MET A 123 9.50 -7.41 21.91
CA MET A 123 10.64 -8.32 21.96
C MET A 123 10.05 -9.74 22.07
N GLU A 124 10.77 -10.74 21.58
CA GLU A 124 10.40 -12.16 21.77
C GLU A 124 10.14 -12.49 23.26
N ASN A 125 9.06 -13.21 23.57
CA ASN A 125 8.48 -13.24 24.95
C ASN A 125 8.29 -11.83 25.46
N PRO A 126 7.05 -11.35 25.47
CA PRO A 126 5.83 -12.05 25.23
C PRO A 126 5.52 -12.40 23.74
N TYR A 127 6.31 -11.91 22.77
CA TYR A 127 6.12 -12.32 21.37
C TYR A 127 6.63 -13.75 21.04
N ILE A 128 5.88 -14.46 20.21
CA ILE A 128 6.20 -15.83 19.85
C ILE A 128 6.74 -15.82 18.43
N LYS A 129 7.99 -16.25 18.24
CA LYS A 129 8.68 -16.30 16.93
C LYS A 129 7.98 -17.29 16.04
N VAL A 130 7.54 -16.84 14.84
CA VAL A 130 7.02 -17.71 13.80
C VAL A 130 8.23 -18.18 13.01
N ASP A 131 8.90 -17.27 12.30
CA ASP A 131 10.07 -17.66 11.47
C ASP A 131 10.86 -16.43 11.07
N THR A 132 12.09 -16.62 10.58
CA THR A 132 12.79 -15.55 9.89
C THR A 132 12.60 -15.92 8.43
N VAL A 133 12.28 -14.91 7.64
CA VAL A 133 11.76 -15.11 6.31
C VAL A 133 12.79 -14.53 5.42
N ALA A 134 13.31 -15.36 4.50
CA ALA A 134 14.30 -14.96 3.54
C ALA A 134 13.59 -14.91 2.18
N ALA A 135 14.21 -14.24 1.21
CA ALA A 135 13.63 -14.00 -0.11
C ALA A 135 14.23 -14.96 -1.12
N GLU A 136 13.38 -15.69 -1.83
CA GLU A 136 13.79 -16.46 -2.98
C GLU A 136 14.18 -15.56 -4.14
N HIS A 137 13.54 -14.38 -4.25
CA HIS A 137 13.81 -13.45 -5.35
C HIS A 137 14.09 -12.03 -4.82
N LEU A 138 15.11 -11.38 -5.39
CA LEU A 138 15.53 -10.06 -4.97
C LEU A 138 15.15 -9.09 -6.07
N THR A 139 14.83 -7.87 -5.66
CA THR A 139 14.43 -6.82 -6.62
C THR A 139 15.61 -5.86 -6.72
N ARG A 140 15.87 -5.38 -7.93
CA ARG A 140 16.89 -4.37 -8.15
C ARG A 140 16.23 -3.19 -8.85
N LYS A 141 16.55 -1.98 -8.41
CA LYS A 141 15.89 -0.78 -8.88
C LYS A 141 16.89 0.30 -9.19
N ARG A 142 16.58 1.12 -10.17
CA ARG A 142 17.28 2.36 -10.29
C ARG A 142 16.27 3.49 -10.12
N PRO A 143 16.50 4.30 -9.07
CA PRO A 143 15.55 5.34 -8.69
C PRO A 143 15.05 6.13 -9.91
N GLY A 144 13.73 6.20 -10.07
CA GLY A 144 13.09 6.93 -11.18
C GLY A 144 13.12 6.28 -12.55
N ALA A 145 13.93 5.25 -12.70
CA ALA A 145 14.29 4.78 -14.02
C ALA A 145 13.74 3.41 -14.37
N GLU A 146 14.00 2.41 -13.54
CA GLU A 146 13.90 1.05 -14.01
C GLU A 146 13.91 0.06 -12.86
N ALA A 147 13.24 -1.05 -13.01
CA ALA A 147 13.33 -2.04 -11.96
C ALA A 147 13.24 -3.40 -12.54
N THR A 148 13.89 -4.35 -11.88
CA THR A 148 13.72 -5.75 -12.18
C THR A 148 13.34 -6.43 -10.90
N GLY A 149 12.47 -7.43 -11.00
CA GLY A 149 12.16 -8.22 -9.81
C GLY A 149 11.00 -9.17 -9.96
N LYS A 150 10.78 -9.99 -8.92
CA LYS A 150 9.58 -10.81 -8.77
C LYS A 150 9.09 -10.75 -7.35
N VAL A 151 7.80 -10.83 -7.19
CA VAL A 151 7.19 -10.83 -5.84
C VAL A 151 7.49 -12.17 -5.19
N ASN A 152 7.90 -12.11 -3.93
CA ASN A 152 8.02 -13.28 -3.08
C ASN A 152 6.68 -13.66 -2.50
N VAL A 153 6.40 -14.93 -2.39
CA VAL A 153 5.23 -15.43 -1.67
C VAL A 153 5.70 -16.42 -0.61
N LYS A 154 5.28 -16.21 0.63
CA LYS A 154 5.59 -17.14 1.72
C LYS A 154 4.34 -17.31 2.55
N THR A 155 4.00 -18.55 2.91
CA THR A 155 2.93 -18.80 3.84
C THR A 155 3.54 -19.46 5.05
N LEU A 156 3.44 -18.78 6.18
CA LEU A 156 3.91 -19.28 7.45
C LEU A 156 2.72 -19.92 8.21
N ARG A 157 3.03 -20.70 9.23
CA ARG A 157 2.00 -21.32 10.07
C ARG A 157 2.23 -20.98 11.53
N LEU A 158 1.15 -20.99 12.30
CA LEU A 158 1.14 -20.36 13.61
C LEU A 158 0.07 -21.03 14.47
N GLY A 159 0.44 -21.37 15.71
CA GLY A 159 -0.49 -22.02 16.67
C GLY A 159 0.13 -23.21 17.40
N PRO A 160 -0.72 -23.98 18.13
CA PRO A 160 -2.16 -23.76 18.27
C PRO A 160 -2.58 -22.47 18.98
N LEU A 161 -3.72 -21.89 18.52
CA LEU A 161 -4.29 -20.72 19.20
C LEU A 161 -5.50 -21.07 20.10
N SER A 162 -5.58 -20.40 21.26
CA SER A 162 -6.53 -20.61 22.36
C SER A 162 -7.51 -19.46 22.64
N LYS A 163 -6.99 -18.24 22.52
CA LYS A 163 -7.64 -17.04 23.07
C LYS A 163 -8.54 -16.41 22.03
N ALA A 164 -9.25 -15.36 22.42
CA ALA A 164 -10.22 -14.74 21.52
C ALA A 164 -9.56 -14.18 20.26
N GLY A 165 -8.33 -13.71 20.40
CA GLY A 165 -7.64 -13.14 19.28
C GLY A 165 -6.15 -13.05 19.45
N PHE A 166 -5.55 -12.44 18.43
CA PHE A 166 -4.13 -12.33 18.35
C PHE A 166 -3.70 -11.15 17.49
N TYR A 167 -2.43 -10.85 17.59
CA TYR A 167 -1.81 -9.91 16.67
C TYR A 167 -0.60 -10.54 16.03
N LEU A 168 -0.28 -10.07 14.83
CA LEU A 168 0.86 -10.57 14.09
C LEU A 168 1.82 -9.42 13.99
N ALA A 169 3.10 -9.65 14.24
CA ALA A 169 4.06 -8.55 14.14
C ALA A 169 5.18 -8.94 13.21
N PHE A 170 5.82 -7.90 12.69
CA PHE A 170 6.95 -8.01 11.75
C PHE A 170 8.07 -7.23 12.39
N GLN A 171 9.24 -7.84 12.48
CA GLN A 171 10.38 -7.16 12.97
C GLN A 171 11.44 -7.02 11.89
N ASP A 172 11.78 -5.79 11.59
CA ASP A 172 12.84 -5.50 10.65
C ASP A 172 14.14 -5.12 11.38
N GLN A 173 15.26 -5.60 10.89
CA GLN A 173 16.57 -5.35 11.49
C GLN A 173 17.55 -4.78 10.47
N GLY A 174 17.07 -4.40 9.31
CA GLY A 174 17.96 -3.87 8.27
C GLY A 174 17.63 -4.19 6.81
N ALA A 175 16.44 -4.68 6.56
CA ALA A 175 16.00 -4.99 5.16
C ALA A 175 15.38 -3.77 4.42
N CYS A 176 15.35 -3.88 3.07
CA CYS A 176 14.70 -2.93 2.21
C CYS A 176 13.62 -3.74 1.47
N MET A 177 12.41 -3.70 2.05
CA MET A 177 11.26 -4.51 1.66
C MET A 177 9.91 -3.79 1.63
N ALA A 178 9.06 -4.19 0.68
CA ALA A 178 7.69 -3.74 0.61
C ALA A 178 6.84 -4.97 0.98
N LEU A 179 5.94 -4.86 1.94
CA LEU A 179 4.91 -5.89 2.22
C LEU A 179 3.73 -5.50 1.42
N LEU A 180 3.51 -6.19 0.32
CA LEU A 180 2.44 -5.88 -0.61
C LEU A 180 1.07 -6.35 -0.11
N SER A 181 1.05 -7.46 0.65
CA SER A 181 -0.15 -7.98 1.25
C SER A 181 0.08 -9.13 2.22
N LEU A 182 -0.91 -9.28 3.12
CA LEU A 182 -0.94 -10.29 4.14
C LEU A 182 -2.35 -10.88 4.12
N HIS A 183 -2.47 -12.21 4.10
CA HIS A 183 -3.75 -12.87 4.16
C HIS A 183 -3.66 -13.91 5.29
N LEU A 184 -4.39 -13.65 6.37
CA LEU A 184 -4.55 -14.62 7.47
C LEU A 184 -5.87 -15.27 7.25
N PHE A 185 -5.91 -16.58 7.42
CA PHE A 185 -7.11 -17.40 7.24
C PHE A 185 -6.93 -18.72 7.98
N TYR A 186 -8.02 -19.46 8.13
CA TYR A 186 -7.90 -20.86 8.59
C TYR A 186 -8.75 -21.80 7.71
N LYS A 187 -8.37 -23.09 7.74
CA LYS A 187 -9.12 -24.14 7.02
C LYS A 187 -10.02 -24.91 8.03
N LYS A 188 -11.35 -24.93 7.70
CA LYS A 188 -12.33 -25.33 8.71
C LYS A 188 -12.22 -26.79 9.17
N ILE B 1 4.06 15.17 6.79
CA ILE B 1 3.12 16.24 6.35
C ILE B 1 2.01 15.66 5.44
N VAL B 2 0.82 15.46 6.03
CA VAL B 2 -0.36 14.96 5.34
C VAL B 2 -1.10 16.14 4.71
N LEU B 3 -1.07 16.26 3.38
CA LEU B 3 -1.79 17.35 2.70
C LEU B 3 -3.29 17.05 2.61
N GLU B 4 -4.10 18.06 2.32
CA GLU B 4 -5.56 17.90 2.32
C GLU B 4 -6.06 16.91 1.24
N PRO B 5 -6.84 15.88 1.65
CA PRO B 5 -7.46 14.98 0.70
C PRO B 5 -8.11 15.68 -0.48
N ILE B 6 -7.96 15.06 -1.63
CA ILE B 6 -8.49 15.55 -2.90
C ILE B 6 -9.63 14.64 -3.35
N TYR B 7 -10.84 15.17 -3.33
CA TYR B 7 -12.02 14.41 -3.73
C TYR B 7 -12.24 14.59 -5.21
N TRP B 8 -12.27 13.44 -5.88
CA TRP B 8 -12.30 13.33 -7.33
C TRP B 8 -13.74 13.10 -7.78
N ASN B 9 -14.43 14.22 -7.82
CA ASN B 9 -15.77 14.30 -8.33
CA ASN B 9 -15.78 14.30 -8.32
C ASN B 9 -15.95 15.67 -8.95
N SER B 10 -16.88 15.76 -9.89
CA SER B 10 -17.10 17.00 -10.63
C SER B 10 -17.65 18.18 -9.76
N SER B 11 -18.17 17.90 -8.56
CA SER B 11 -18.56 19.01 -7.66
C SER B 11 -17.35 19.78 -7.07
N ASN B 12 -16.16 19.21 -7.26
CA ASN B 12 -14.90 19.77 -6.79
C ASN B 12 -14.48 20.94 -7.65
N SER B 13 -14.56 22.15 -7.09
CA SER B 13 -14.27 23.38 -7.82
C SER B 13 -12.77 23.75 -7.84
N LYS B 14 -11.95 23.03 -7.06
CA LYS B 14 -10.47 23.14 -7.08
C LYS B 14 -9.87 22.74 -8.44
N PHE B 15 -10.66 22.04 -9.26
CA PHE B 15 -10.31 21.80 -10.66
C PHE B 15 -10.76 23.01 -11.44
N LEU B 16 -9.81 23.91 -11.67
CA LEU B 16 -10.13 25.21 -12.22
C LEU B 16 -10.11 25.18 -13.75
N PRO B 17 -10.94 26.02 -14.39
CA PRO B 17 -10.91 26.23 -15.84
C PRO B 17 -9.51 26.16 -16.46
N GLY B 18 -9.30 25.22 -17.37
CA GLY B 18 -8.03 25.05 -18.06
C GLY B 18 -6.90 24.44 -17.23
N GLN B 19 -6.52 25.15 -16.17
CA GLN B 19 -5.39 24.79 -15.29
C GLN B 19 -5.55 23.46 -14.57
N GLY B 20 -6.77 23.12 -14.18
CA GLY B 20 -7.00 21.98 -13.32
C GLY B 20 -6.61 22.29 -11.89
N LEU B 21 -6.18 21.25 -11.19
CA LEU B 21 -5.69 21.35 -9.80
C LEU B 21 -4.15 21.40 -9.78
N VAL B 22 -3.61 22.36 -9.04
CA VAL B 22 -2.15 22.51 -8.88
C VAL B 22 -1.81 22.45 -7.39
N LEU B 23 -0.94 21.49 -7.07
CA LEU B 23 -0.41 21.22 -5.74
C LEU B 23 1.11 21.39 -5.76
N TYR B 24 1.68 21.68 -4.59
CA TYR B 24 3.12 21.77 -4.39
C TYR B 24 3.48 20.95 -3.14
N PRO B 25 3.64 19.60 -3.30
CA PRO B 25 4.05 18.68 -2.24
C PRO B 25 5.56 18.50 -2.11
N GLN B 26 6.05 18.47 -0.87
CA GLN B 26 7.46 18.26 -0.60
C GLN B 26 7.69 16.76 -0.43
N ILE B 27 8.93 16.34 -0.66
CA ILE B 27 9.37 14.99 -0.34
C ILE B 27 9.13 14.66 1.15
N GLY B 28 8.60 13.47 1.40
CA GLY B 28 8.11 13.07 2.71
C GLY B 28 6.60 13.20 2.84
N ASP B 29 6.00 14.01 1.97
CA ASP B 29 4.58 14.29 2.00
C ASP B 29 3.76 13.06 1.68
N LYS B 30 2.49 13.07 2.13
CA LYS B 30 1.49 12.04 1.81
C LYS B 30 0.18 12.70 1.35
N LEU B 31 -0.51 12.14 0.37
CA LEU B 31 -1.76 12.79 -0.14
C LEU B 31 -2.72 11.72 -0.51
N ASP B 32 -3.94 11.78 0.04
CA ASP B 32 -5.00 10.88 -0.31
C ASP B 32 -5.80 11.48 -1.47
N ILE B 33 -6.00 10.70 -2.54
CA ILE B 33 -6.93 11.07 -3.59
C ILE B 33 -8.17 10.16 -3.39
N ILE B 34 -9.34 10.74 -3.10
CA ILE B 34 -10.56 9.94 -2.73
C ILE B 34 -11.65 10.02 -3.75
N CYS B 35 -12.12 8.86 -4.17
CA CYS B 35 -13.39 8.75 -4.90
C CYS B 35 -14.52 8.48 -3.89
N PRO B 36 -15.45 9.45 -3.71
CA PRO B 36 -16.39 9.36 -2.58
C PRO B 36 -17.65 8.51 -2.83
N LYS B 37 -18.20 7.98 -1.74
CA LYS B 37 -19.37 7.08 -1.76
C LYS B 37 -20.60 7.90 -2.11
N VAL B 38 -21.56 7.32 -2.83
CA VAL B 38 -22.88 7.95 -2.89
C VAL B 38 -23.66 7.55 -1.64
N ASP B 39 -23.80 8.51 -0.74
CA ASP B 39 -24.30 8.27 0.61
C ASP B 39 -25.81 8.58 0.66
N SER B 40 -26.32 8.89 1.87
CA SER B 40 -27.76 9.17 2.09
C SER B 40 -28.12 10.65 1.96
N LYS B 41 -27.13 11.47 1.60
CA LYS B 41 -27.32 12.86 1.19
C LYS B 41 -26.45 13.15 -0.04
N THR B 42 -26.80 12.50 -1.16
CA THR B 42 -26.28 12.80 -2.50
C THR B 42 -26.96 11.87 -3.53
N VAL B 43 -27.53 12.47 -4.58
CA VAL B 43 -28.18 11.70 -5.64
C VAL B 43 -27.20 10.75 -6.34
N GLN B 45 -26.01 8.75 -10.41
CA GLN B 45 -25.26 9.94 -10.10
C GLN B 45 -24.06 9.68 -9.16
N TYR B 46 -23.50 8.48 -9.24
CA TYR B 46 -22.13 8.24 -8.83
C TYR B 46 -21.30 8.60 -10.07
N GLU B 47 -20.06 9.04 -9.90
CA GLU B 47 -19.22 9.43 -11.05
C GLU B 47 -18.11 8.42 -11.37
N TYR B 48 -18.30 7.67 -12.46
CA TYR B 48 -17.38 6.59 -12.79
C TYR B 48 -16.06 7.14 -13.41
N TYR B 49 -14.93 6.93 -12.71
CA TYR B 49 -13.59 7.32 -13.21
C TYR B 49 -12.54 6.25 -13.00
N LYS B 50 -11.65 6.10 -14.00
CA LYS B 50 -10.37 5.40 -13.86
C LYS B 50 -9.28 6.49 -13.85
N VAL B 51 -8.55 6.61 -12.74
CA VAL B 51 -7.63 7.73 -12.54
C VAL B 51 -6.21 7.21 -12.69
N TYR B 52 -5.36 7.97 -13.37
CA TYR B 52 -4.04 7.52 -13.79
C TYR B 52 -2.98 8.55 -13.51
N MET B 53 -1.78 8.08 -13.20
CA MET B 53 -0.54 8.89 -13.24
C MET B 53 0.08 8.84 -14.65
N VAL B 54 0.24 10.00 -15.27
CA VAL B 54 0.69 10.09 -16.66
C VAL B 54 1.84 11.05 -16.77
N ASP B 55 2.59 10.91 -17.87
CA ASP B 55 3.69 11.83 -18.18
C ASP B 55 3.16 13.12 -18.84
N LYS B 56 3.88 14.22 -18.66
CA LYS B 56 3.52 15.52 -19.22
C LYS B 56 2.85 15.42 -20.60
N ASP B 57 3.52 14.81 -21.58
CA ASP B 57 2.96 14.69 -22.96
C ASP B 57 1.65 13.88 -23.02
N GLN B 58 1.51 12.89 -22.15
CA GLN B 58 0.29 12.06 -22.07
C GLN B 58 -0.83 12.76 -21.28
N ALA B 59 -0.44 13.72 -20.45
CA ALA B 59 -1.36 14.66 -19.82
C ALA B 59 -1.68 15.84 -20.76
N ASP B 60 -0.77 16.10 -21.71
CA ASP B 60 -0.89 17.21 -22.64
C ASP B 60 -0.96 16.68 -24.09
N ARG B 61 -2.09 16.11 -24.50
CA ARG B 61 -3.36 16.26 -23.81
C ARG B 61 -4.23 15.02 -23.87
N CYS B 62 -4.36 14.36 -22.74
CA CYS B 62 -5.52 13.52 -22.42
C CYS B 62 -5.63 12.26 -23.23
N THR B 63 -4.65 11.39 -23.05
CA THR B 63 -4.64 10.06 -23.65
C THR B 63 -4.00 9.13 -22.63
N ILE B 64 -4.25 7.83 -22.73
CA ILE B 64 -3.60 6.82 -21.86
C ILE B 64 -3.15 5.64 -22.77
N LYS B 65 -2.47 4.64 -22.21
CA LYS B 65 -1.91 3.56 -23.04
C LYS B 65 -1.62 2.28 -22.24
N PRO B 70 -3.28 2.44 -13.42
CA PRO B 70 -4.26 3.40 -12.92
C PRO B 70 -4.36 3.31 -11.41
N LEU B 71 -4.33 4.47 -10.75
CA LEU B 71 -4.25 4.55 -9.29
C LEU B 71 -5.58 4.37 -8.59
N LEU B 72 -6.65 4.82 -9.23
CA LEU B 72 -7.99 4.58 -8.73
C LEU B 72 -8.80 3.94 -9.84
N ASN B 73 -9.52 2.89 -9.50
CA ASN B 73 -10.67 2.49 -10.29
C ASN B 73 -11.98 2.80 -9.52
N CYS B 74 -12.51 3.99 -9.76
CA CYS B 74 -13.71 4.44 -9.07
C CYS B 74 -14.93 3.95 -9.81
N ALA B 75 -15.31 2.68 -9.59
CA ALA B 75 -16.54 2.14 -10.11
C ALA B 75 -17.21 1.35 -9.02
N ARG B 76 -17.43 2.02 -7.90
CA ARG B 76 -17.99 1.42 -6.69
C ARG B 76 -18.74 2.52 -5.94
N PRO B 77 -20.01 2.72 -6.27
CA PRO B 77 -20.89 3.63 -5.53
C PRO B 77 -21.00 3.43 -4.00
N ASP B 78 -21.02 2.19 -3.52
CA ASP B 78 -21.27 1.93 -2.10
C ASP B 78 -20.01 1.90 -1.21
N GLN B 79 -18.89 2.46 -1.71
CA GLN B 79 -17.62 2.36 -1.01
C GLN B 79 -16.72 3.57 -1.29
N ASP B 80 -16.15 4.15 -0.23
CA ASP B 80 -15.20 5.25 -0.38
C ASP B 80 -13.89 4.56 -0.86
N VAL B 81 -13.45 4.89 -2.08
CA VAL B 81 -12.23 4.34 -2.71
C VAL B 81 -11.17 5.43 -2.73
N LYS B 82 -9.93 5.04 -2.42
CA LYS B 82 -8.82 5.94 -2.07
C LYS B 82 -7.45 5.48 -2.60
N PHE B 83 -6.57 6.42 -2.96
CA PHE B 83 -5.16 6.10 -3.18
C PHE B 83 -4.39 7.05 -2.33
N THR B 84 -3.44 6.55 -1.55
CA THR B 84 -2.53 7.46 -0.91
C THR B 84 -1.10 7.34 -1.43
N ILE B 85 -0.67 8.46 -1.97
CA ILE B 85 0.65 8.69 -2.50
C ILE B 85 1.52 9.09 -1.33
N LYS B 86 2.65 8.42 -1.20
CA LYS B 86 3.77 8.95 -0.48
C LYS B 86 4.79 9.49 -1.50
N PHE B 87 5.14 10.75 -1.36
CA PHE B 87 6.07 11.43 -2.26
C PHE B 87 7.45 11.15 -1.74
N GLN B 88 8.06 10.08 -2.19
CA GLN B 88 9.35 9.61 -1.71
C GLN B 88 10.23 9.35 -2.93
N GLU B 89 11.55 9.46 -2.76
CA GLU B 89 12.51 9.37 -3.90
C GLU B 89 12.77 7.90 -4.37
N PHE B 90 12.53 6.96 -3.46
CA PHE B 90 12.83 5.56 -3.68
C PHE B 90 11.76 4.74 -2.95
N SER B 91 11.10 3.83 -3.66
CA SER B 91 10.26 2.80 -3.05
C SER B 91 10.79 1.36 -3.19
N PRO B 92 10.81 0.56 -2.07
CA PRO B 92 11.09 -0.89 -2.17
C PRO B 92 10.06 -1.79 -2.86
N ASN B 93 8.90 -1.22 -3.18
CA ASN B 93 7.95 -1.79 -4.12
C ASN B 93 8.44 -1.71 -5.57
N LEU B 94 8.48 -2.89 -6.16
CA LEU B 94 8.78 -3.07 -7.55
C LEU B 94 7.93 -2.13 -8.43
N TRP B 95 6.67 -1.91 -8.06
CA TRP B 95 5.78 -0.94 -8.73
C TRP B 95 5.53 0.31 -7.93
N GLY B 96 6.38 0.62 -6.97
CA GLY B 96 6.17 1.83 -6.18
C GLY B 96 6.31 3.14 -6.94
N LEU B 97 5.65 4.18 -6.44
CA LEU B 97 5.72 5.50 -7.05
C LEU B 97 6.94 6.23 -6.47
N GLU B 98 7.74 6.82 -7.36
CA GLU B 98 9.07 7.38 -7.02
C GLU B 98 9.21 8.79 -7.61
N PHE B 99 9.67 9.79 -6.83
CA PHE B 99 9.53 11.23 -7.21
C PHE B 99 10.77 12.12 -6.97
N GLN B 100 11.05 13.06 -7.90
CA GLN B 100 12.26 13.91 -7.82
C GLN B 100 11.98 15.33 -7.27
N LYS B 101 12.77 15.75 -6.27
CA LYS B 101 12.85 17.18 -5.88
C LYS B 101 12.96 18.05 -7.12
N ASN B 102 12.11 19.07 -7.18
CA ASN B 102 12.07 20.04 -8.29
C ASN B 102 11.75 19.39 -9.65
N LYS B 103 10.79 18.47 -9.62
CA LYS B 103 10.17 17.87 -10.82
C LYS B 103 8.60 17.79 -10.70
N ASP B 104 7.91 17.73 -11.85
CA ASP B 104 6.43 17.74 -11.99
C ASP B 104 5.86 16.41 -12.48
N TYR B 105 4.78 16.01 -11.82
N TYR B 105 4.67 16.00 -12.01
CA TYR B 105 4.07 14.77 -12.10
CA TYR B 105 4.19 14.60 -12.26
C TYR B 105 2.61 15.15 -12.30
C TYR B 105 2.88 14.29 -13.03
N TYR B 106 1.87 14.29 -12.98
N TYR B 106 1.75 14.85 -12.63
CA TYR B 106 0.53 14.64 -13.41
CA TYR B 106 0.45 14.73 -13.37
C TYR B 106 -0.40 13.46 -13.18
N ILE B 107 -1.71 13.71 -13.05
CA ILE B 107 -2.72 12.70 -12.80
C ILE B 107 -3.96 13.17 -13.50
N ILE B 108 -4.54 12.30 -14.33
CA ILE B 108 -5.69 12.64 -15.12
C ILE B 108 -6.72 11.52 -15.04
N SER B 109 -7.87 11.75 -15.67
CA SER B 109 -8.80 10.68 -16.05
C SER B 109 -9.37 11.04 -17.43
N THR B 110 -9.37 10.08 -18.34
CA THR B 110 -10.04 10.23 -19.66
C THR B 110 -11.45 9.60 -19.71
N SER B 111 -11.93 9.16 -18.54
CA SER B 111 -13.27 8.59 -18.41
C SER B 111 -14.20 9.79 -18.41
N ASN B 112 -15.40 9.64 -18.94
CA ASN B 112 -16.30 10.77 -19.04
C ASN B 112 -17.40 10.83 -17.96
N GLY B 113 -17.16 10.15 -16.82
CA GLY B 113 -18.08 10.19 -15.67
C GLY B 113 -19.15 9.10 -15.62
N SER B 114 -19.39 8.43 -16.75
CA SER B 114 -20.46 7.44 -16.89
C SER B 114 -19.83 6.07 -16.98
N LEU B 115 -20.65 5.05 -16.74
CA LEU B 115 -20.15 3.66 -16.79
C LEU B 115 -19.63 3.33 -18.19
N GLU B 116 -20.36 3.77 -19.21
CA GLU B 116 -20.01 3.47 -20.59
C GLU B 116 -18.57 3.86 -20.94
N GLY B 117 -18.13 5.01 -20.42
CA GLY B 117 -16.86 5.59 -20.81
C GLY B 117 -15.74 5.40 -19.80
N LEU B 118 -16.06 4.78 -18.67
CA LEU B 118 -15.10 4.45 -17.63
C LEU B 118 -13.75 4.11 -18.25
N ASP B 119 -13.80 3.23 -19.25
CA ASP B 119 -12.61 2.66 -19.88
C ASP B 119 -12.19 3.40 -21.18
N ASN B 120 -12.75 4.59 -21.41
CA ASN B 120 -12.40 5.39 -22.58
C ASN B 120 -10.91 5.77 -22.50
N GLN B 121 -10.09 5.20 -23.38
CA GLN B 121 -8.65 5.46 -23.36
C GLN B 121 -8.24 6.89 -23.83
N GLU B 122 -9.22 7.69 -24.25
CA GLU B 122 -9.00 9.06 -24.76
C GLU B 122 -10.23 9.99 -24.57
N GLY B 123 -9.98 11.21 -24.07
CA GLY B 123 -11.01 12.23 -23.81
C GLY B 123 -10.98 12.67 -22.35
N GLY B 124 -12.11 12.66 -21.66
CA GLY B 124 -12.12 12.95 -20.20
C GLY B 124 -12.93 14.19 -20.03
N VAL B 125 -13.47 14.50 -18.84
CA VAL B 125 -12.75 14.74 -17.59
C VAL B 125 -11.54 15.63 -17.91
N CYS B 126 -10.41 14.99 -18.24
CA CYS B 126 -9.15 15.65 -18.59
C CYS B 126 -9.36 16.86 -19.52
N GLN B 127 -9.92 16.60 -20.71
CA GLN B 127 -9.95 17.63 -21.76
C GLN B 127 -11.29 18.36 -21.89
N THR B 128 -12.26 18.01 -21.03
CA THR B 128 -13.64 18.57 -21.03
C THR B 128 -13.89 19.46 -19.82
N ARG B 129 -13.44 19.01 -18.64
CA ARG B 129 -13.73 19.66 -17.35
C ARG B 129 -12.46 20.01 -16.56
N ALA B 130 -11.31 19.94 -17.25
CA ALA B 130 -9.98 20.20 -16.68
C ALA B 130 -9.67 19.30 -15.49
N MET B 131 -10.12 18.04 -15.53
CA MET B 131 -10.01 17.14 -14.36
C MET B 131 -8.63 16.54 -14.28
N LYS B 132 -7.72 17.31 -13.73
CA LYS B 132 -6.36 16.79 -13.57
C LYS B 132 -5.63 17.52 -12.42
N ILE B 133 -4.57 16.86 -11.93
CA ILE B 133 -3.68 17.43 -10.95
C ILE B 133 -2.31 17.52 -11.58
N LEU B 134 -1.56 18.54 -11.17
CA LEU B 134 -0.15 18.75 -11.50
C LEU B 134 0.58 18.91 -10.17
N MET B 135 1.52 17.99 -9.84
CA MET B 135 2.28 18.12 -8.59
C MET B 135 3.68 18.60 -8.86
N LYS B 136 3.94 19.84 -8.46
CA LYS B 136 5.25 20.49 -8.50
C LYS B 136 5.97 20.12 -7.19
N VAL B 137 6.73 19.02 -7.25
CA VAL B 137 7.33 18.43 -6.07
C VAL B 137 8.63 19.14 -5.74
N GLY B 138 8.93 19.22 -4.44
CA GLY B 138 10.07 19.96 -3.93
C GLY B 138 9.78 21.45 -4.07
#